data_8GD0
#
_entry.id   8GD0
#
_cell.length_a   63.577
_cell.length_b   66.275
_cell.length_c   91.388
_cell.angle_alpha   90.00
_cell.angle_beta   90.00
_cell.angle_gamma   90.00
#
_symmetry.space_group_name_H-M   'P 21 21 21'
#
loop_
_entity.id
_entity.type
_entity.pdbx_description
1 polymer 'HIV-1 LM/HT Clade A/E CRF01 gp120 core'
2 non-polymer 2-acetamido-2-deoxy-beta-D-glucopyranose
3 non-polymer (3S)-N-(4-chloro-3-fluorophenyl)-1-(4-methylpiperazine-1-carbonyl)piperidine-3-carboxamide
4 non-polymer '4-(2-HYDROXYETHYL)-1-PIPERAZINE ETHANESULFONIC ACID'
5 non-polymer 'CHLORIDE ION'
6 water water
#
_entity_poly.entity_id   1
_entity_poly.type   'polypeptide(L)'
_entity_poly.pdbx_seq_one_letter_code
;VPVWKDADTTLFCASDAKAYETEVHNVWATHACVPTDPNPQEIHLENVTENFNMWKNNMVEQMHEDIISLWDQSLQPCVK
LTGGSVIKQACPKISFDPIPIHYCTPAGYVILKCNDKNFNGTGPCKNVSSVQCTHGIKPVVSTQLLLNGSLAEEEIIIRS
ENLTNNAKTIIVHLNKSVEINCTRPSNGGSGSGGDIRKAYCEINGTKWNKVLKQVTEKLKEHFNNKTIIFQPPSGGDLEI
TMHTFNCRGEFFYCNTTQLFNNTCIGNETMKGCNGTITLPCKIKQIINMWQGTGQAMYAPPIDGKINCVSNITGILLTRD
GGANNTSNETFRPGGGDMRDNWRSELYKYKVVQIE
;
_entity_poly.pdbx_strand_id   A
#
# COMPACT_ATOMS: atom_id res chain seq x y z
N VAL A 3 -29.99 -2.91 14.42
CA VAL A 3 -29.23 -3.64 15.43
C VAL A 3 -28.25 -4.60 14.75
N TRP A 4 -27.06 -4.70 15.32
CA TRP A 4 -25.96 -5.44 14.71
C TRP A 4 -24.88 -5.63 15.77
N LYS A 5 -23.93 -6.51 15.45
CA LYS A 5 -22.73 -6.65 16.27
C LYS A 5 -21.57 -7.12 15.41
N ASP A 6 -20.37 -6.84 15.90
CA ASP A 6 -19.15 -7.18 15.18
C ASP A 6 -19.11 -8.67 14.85
N ALA A 7 -18.75 -8.98 13.60
CA ALA A 7 -18.74 -10.36 13.14
C ALA A 7 -17.90 -10.46 11.89
N ASP A 8 -17.52 -11.69 11.57
CA ASP A 8 -16.67 -12.01 10.43
C ASP A 8 -17.39 -13.01 9.54
N THR A 9 -17.40 -12.75 8.23
CA THR A 9 -18.01 -13.64 7.26
C THR A 9 -17.20 -13.62 5.96
N THR A 10 -17.44 -14.61 5.12
CA THR A 10 -16.79 -14.69 3.81
C THR A 10 -17.33 -13.58 2.92
N LEU A 11 -16.45 -12.72 2.44
CA LEU A 11 -16.87 -11.61 1.59
C LEU A 11 -16.78 -12.01 0.14
N PHE A 12 -17.32 -11.17 -0.74
CA PHE A 12 -17.14 -11.33 -2.16
C PHE A 12 -16.66 -10.01 -2.75
N CYS A 13 -16.16 -10.04 -3.98
CA CYS A 13 -15.57 -8.86 -4.59
C CYS A 13 -16.36 -8.44 -5.82
N ALA A 14 -16.17 -7.18 -6.20
CA ALA A 14 -16.86 -6.57 -7.33
C ALA A 14 -15.88 -5.72 -8.11
N SER A 15 -15.96 -5.80 -9.44
CA SER A 15 -14.99 -5.17 -10.31
C SER A 15 -15.70 -4.41 -11.41
N ASP A 16 -14.92 -3.66 -12.16
CA ASP A 16 -15.32 -3.18 -13.49
C ASP A 16 -14.44 -3.81 -14.55
N ALA A 17 -14.01 -5.06 -14.31
CA ALA A 17 -13.17 -5.77 -15.27
C ALA A 17 -13.83 -5.85 -16.63
N LYS A 18 -13.02 -5.69 -17.68
CA LYS A 18 -13.50 -5.72 -19.05
C LYS A 18 -13.26 -7.09 -19.66
N ALA A 19 -14.20 -7.54 -20.50
CA ALA A 19 -14.02 -8.78 -21.23
C ALA A 19 -13.13 -8.55 -22.44
N TYR A 20 -12.35 -9.58 -22.77
CA TYR A 20 -11.37 -9.61 -23.87
C TYR A 20 -10.03 -9.01 -23.46
N GLU A 21 -10.02 -8.06 -22.51
CA GLU A 21 -8.78 -7.48 -22.02
C GLU A 21 -7.89 -8.54 -21.38
N THR A 22 -6.64 -8.63 -21.82
CA THR A 22 -5.69 -9.64 -21.33
C THR A 22 -4.95 -9.20 -20.06
N GLU A 23 -5.17 -7.98 -19.58
CA GLU A 23 -4.50 -7.53 -18.37
C GLU A 23 -4.89 -8.43 -17.20
N VAL A 24 -3.91 -8.75 -16.35
CA VAL A 24 -4.08 -9.88 -15.44
C VAL A 24 -5.14 -9.60 -14.38
N HIS A 25 -5.16 -8.37 -13.85
CA HIS A 25 -6.20 -8.02 -12.90
C HIS A 25 -7.58 -8.12 -13.52
N ASN A 26 -7.70 -7.73 -14.80
CA ASN A 26 -8.98 -7.85 -15.50
C ASN A 26 -9.41 -9.30 -15.61
N VAL A 27 -8.48 -10.20 -15.96
CA VAL A 27 -8.81 -11.61 -16.09
C VAL A 27 -9.25 -12.19 -14.75
N TRP A 28 -8.41 -11.98 -13.72
CA TRP A 28 -8.74 -12.47 -12.38
C TRP A 28 -10.10 -11.97 -11.92
N ALA A 29 -10.34 -10.66 -12.04
CA ALA A 29 -11.60 -10.11 -11.56
C ALA A 29 -12.78 -10.51 -12.43
N THR A 30 -12.53 -10.79 -13.71
CA THR A 30 -13.58 -11.27 -14.58
C THR A 30 -14.09 -12.63 -14.12
N HIS A 31 -13.19 -13.51 -13.70
CA HIS A 31 -13.66 -14.83 -13.27
C HIS A 31 -13.87 -14.96 -11.76
N ALA A 32 -13.44 -13.98 -10.95
CA ALA A 32 -13.47 -14.11 -9.50
C ALA A 32 -14.36 -13.08 -8.79
N CYS A 33 -14.85 -12.07 -9.50
CA CYS A 33 -15.63 -11.00 -8.91
C CYS A 33 -16.90 -10.79 -9.75
N VAL A 34 -17.89 -10.15 -9.14
CA VAL A 34 -19.14 -9.82 -9.83
C VAL A 34 -19.03 -8.41 -10.38
N PRO A 35 -19.96 -7.92 -11.20
CA PRO A 35 -19.88 -6.52 -11.64
C PRO A 35 -20.26 -5.57 -10.51
N THR A 36 -19.80 -4.33 -10.65
CA THR A 36 -20.10 -3.31 -9.64
C THR A 36 -21.61 -3.15 -9.51
N ASP A 37 -22.05 -2.87 -8.28
CA ASP A 37 -23.41 -2.46 -8.06
C ASP A 37 -23.63 -1.15 -8.81
N PRO A 38 -24.52 -1.12 -9.81
CA PRO A 38 -24.72 0.13 -10.56
C PRO A 38 -25.39 1.22 -9.73
N ASN A 39 -26.13 0.84 -8.69
CA ASN A 39 -26.88 1.77 -7.83
C ASN A 39 -26.43 1.46 -6.40
N PRO A 40 -25.31 2.00 -5.95
CA PRO A 40 -24.85 1.70 -4.59
C PRO A 40 -25.39 2.70 -3.58
N GLN A 41 -26.04 2.20 -2.53
CA GLN A 41 -26.73 3.06 -1.59
C GLN A 41 -26.05 3.02 -0.23
N GLU A 42 -25.92 4.20 0.36
CA GLU A 42 -25.30 4.42 1.66
C GLU A 42 -26.35 5.02 2.59
N ILE A 43 -26.36 4.57 3.84
CA ILE A 43 -27.30 5.04 4.84
C ILE A 43 -26.50 5.67 5.96
N HIS A 44 -26.63 6.98 6.12
CA HIS A 44 -26.08 7.62 7.32
C HIS A 44 -26.89 7.20 8.53
N LEU A 45 -26.19 6.89 9.61
CA LEU A 45 -26.80 6.43 10.85
C LEU A 45 -26.75 7.58 11.84
N GLU A 46 -27.90 8.19 12.10
CA GLU A 46 -27.96 9.41 12.89
C GLU A 46 -27.64 9.12 14.35
N ASN A 47 -26.70 9.90 14.91
CA ASN A 47 -26.33 9.82 16.32
C ASN A 47 -25.86 8.43 16.71
N VAL A 48 -24.95 7.89 15.91
CA VAL A 48 -24.40 6.56 16.13
C VAL A 48 -22.88 6.66 16.20
N THR A 49 -22.30 6.12 17.27
CA THR A 49 -20.86 6.02 17.44
C THR A 49 -20.49 4.55 17.42
N GLU A 50 -19.55 4.19 16.55
CA GLU A 50 -19.12 2.81 16.37
C GLU A 50 -17.60 2.76 16.52
N ASN A 51 -17.08 1.71 17.16
CA ASN A 51 -15.64 1.58 17.32
C ASN A 51 -15.06 0.79 16.15
N PHE A 52 -13.92 1.25 15.65
CA PHE A 52 -13.20 0.59 14.56
C PHE A 52 -11.80 0.21 15.05
N ASN A 53 -11.24 -0.84 14.45
CA ASN A 53 -9.83 -1.22 14.65
C ASN A 53 -9.25 -1.68 13.32
N MET A 54 -8.55 -0.77 12.63
CA MET A 54 -7.92 -1.08 11.36
C MET A 54 -6.81 -2.10 11.50
N TRP A 55 -6.19 -2.23 12.68
CA TRP A 55 -5.09 -3.16 12.82
C TRP A 55 -5.56 -4.57 13.19
N LYS A 56 -6.85 -4.73 13.49
CA LYS A 56 -7.45 -6.04 13.77
C LYS A 56 -8.76 -6.11 12.97
N ASN A 57 -8.64 -6.34 11.66
CA ASN A 57 -9.80 -6.34 10.77
C ASN A 57 -9.64 -7.47 9.75
N ASN A 58 -10.59 -8.40 9.76
CA ASN A 58 -10.52 -9.59 8.92
C ASN A 58 -10.64 -9.27 7.43
N MET A 59 -11.23 -8.12 7.09
CA MET A 59 -11.29 -7.68 5.69
C MET A 59 -9.88 -7.59 5.12
N VAL A 60 -8.94 -7.11 5.93
CA VAL A 60 -7.55 -7.01 5.52
C VAL A 60 -7.01 -8.36 5.09
N GLU A 61 -7.25 -9.39 5.91
CA GLU A 61 -6.71 -10.70 5.60
C GLU A 61 -7.41 -11.33 4.39
N GLN A 62 -8.70 -11.05 4.20
CA GLN A 62 -9.36 -11.60 3.02
C GLN A 62 -8.87 -10.95 1.73
N MET A 63 -8.70 -9.61 1.73
CA MET A 63 -8.11 -8.96 0.56
C MET A 63 -6.71 -9.49 0.30
N HIS A 64 -5.93 -9.68 1.37
CA HIS A 64 -4.59 -10.23 1.24
C HIS A 64 -4.61 -11.59 0.54
N GLU A 65 -5.50 -12.48 0.98
CA GLU A 65 -5.59 -13.80 0.37
C GLU A 65 -5.99 -13.70 -1.10
N ASP A 66 -6.87 -12.75 -1.41
CA ASP A 66 -7.25 -12.51 -2.81
C ASP A 66 -6.04 -12.10 -3.64
N ILE A 67 -5.25 -11.16 -3.14
CA ILE A 67 -4.14 -10.66 -3.95
C ILE A 67 -3.06 -11.71 -4.09
N ILE A 68 -2.88 -12.55 -3.06
CA ILE A 68 -1.98 -13.68 -3.19
C ILE A 68 -2.44 -14.60 -4.31
N SER A 69 -3.73 -14.93 -4.34
CA SER A 69 -4.24 -15.82 -5.39
C SER A 69 -4.08 -15.18 -6.77
N LEU A 70 -4.36 -13.88 -6.87
CA LEU A 70 -4.22 -13.16 -8.13
C LEU A 70 -2.79 -13.26 -8.65
N TRP A 71 -1.81 -12.89 -7.82
CA TRP A 71 -0.41 -12.98 -8.23
C TRP A 71 0.01 -14.41 -8.52
N ASP A 72 -0.55 -15.37 -7.78
CA ASP A 72 -0.23 -16.77 -8.00
C ASP A 72 -0.71 -17.25 -9.38
N GLN A 73 -1.83 -16.72 -9.85
CA GLN A 73 -2.34 -17.12 -11.16
C GLN A 73 -1.83 -16.25 -12.31
N SER A 74 -1.26 -15.10 -12.03
CA SER A 74 -0.91 -14.15 -13.08
C SER A 74 0.59 -14.02 -13.30
N LEU A 75 1.33 -13.63 -12.26
CA LEU A 75 2.78 -13.42 -12.37
C LEU A 75 3.47 -14.72 -12.04
N GLN A 76 3.59 -15.60 -13.03
CA GLN A 76 4.23 -16.89 -12.83
C GLN A 76 5.72 -16.78 -13.12
N PRO A 77 6.59 -16.96 -12.14
CA PRO A 77 8.03 -16.88 -12.40
C PRO A 77 8.53 -18.12 -13.10
N CYS A 78 9.60 -17.93 -13.89
CA CYS A 78 10.25 -19.05 -14.56
C CYS A 78 10.65 -20.13 -13.57
N VAL A 79 11.28 -19.72 -12.47
CA VAL A 79 11.67 -20.68 -11.45
C VAL A 79 11.19 -20.12 -10.13
N LYS A 80 10.75 -21.01 -9.25
CA LYS A 80 10.38 -20.60 -7.90
C LYS A 80 11.02 -21.59 -6.95
N LEU A 81 12.07 -21.12 -6.27
CA LEU A 81 12.73 -21.85 -5.20
C LEU A 81 11.95 -21.58 -3.92
N THR A 82 10.93 -22.40 -3.70
CA THR A 82 10.02 -22.13 -2.59
C THR A 82 10.28 -23.13 -1.45
N GLY A 83 11.47 -22.97 -0.87
CA GLY A 83 11.94 -23.74 0.27
C GLY A 83 12.29 -25.18 -0.04
N GLY A 84 13.35 -25.38 -0.83
CA GLY A 84 13.81 -26.71 -1.17
C GLY A 84 13.21 -27.19 -2.46
N SER A 85 11.95 -26.80 -2.67
CA SER A 85 11.23 -27.03 -3.91
C SER A 85 11.76 -26.12 -5.01
N VAL A 86 11.93 -26.70 -6.19
CA VAL A 86 12.31 -26.01 -7.41
C VAL A 86 11.18 -26.09 -8.44
N ILE A 87 10.13 -25.28 -8.31
CA ILE A 87 9.03 -25.41 -9.27
C ILE A 87 9.37 -24.62 -10.53
N LYS A 88 9.34 -25.30 -11.67
CA LYS A 88 9.66 -24.74 -12.97
C LYS A 88 8.37 -24.58 -13.77
N GLN A 89 8.35 -23.58 -14.64
CA GLN A 89 7.15 -23.31 -15.44
C GLN A 89 7.50 -22.24 -16.47
N ALA A 90 6.51 -21.92 -17.32
CA ALA A 90 6.69 -20.83 -18.24
C ALA A 90 6.50 -19.50 -17.53
N CYS A 91 7.07 -18.47 -18.14
CA CYS A 91 7.02 -17.11 -17.61
C CYS A 91 6.88 -16.16 -18.79
N PRO A 92 5.78 -16.23 -19.53
CA PRO A 92 5.56 -15.24 -20.59
C PRO A 92 5.39 -13.88 -19.98
N LYS A 93 5.93 -12.87 -20.65
CA LYS A 93 5.65 -11.50 -20.25
C LYS A 93 4.16 -11.23 -20.37
N ILE A 94 3.55 -10.73 -19.31
CA ILE A 94 2.13 -10.46 -19.27
C ILE A 94 1.89 -8.97 -19.15
N SER A 95 0.62 -8.59 -19.36
CA SER A 95 0.17 -7.22 -19.19
C SER A 95 -0.33 -7.03 -17.75
N PHE A 96 0.17 -6.01 -17.07
CA PHE A 96 0.02 -5.84 -15.63
C PHE A 96 -0.33 -4.39 -15.35
N ASP A 97 -1.49 -4.16 -14.73
CA ASP A 97 -1.93 -2.85 -14.30
C ASP A 97 -3.14 -2.99 -13.37
N PRO A 98 -3.00 -2.70 -12.08
CA PRO A 98 -4.07 -3.00 -11.12
C PRO A 98 -5.29 -2.14 -11.34
N ILE A 99 -6.47 -2.75 -11.13
CA ILE A 99 -7.76 -2.06 -11.24
C ILE A 99 -8.41 -2.04 -9.87
N PRO A 100 -9.46 -1.23 -9.65
CA PRO A 100 -10.06 -1.19 -8.31
C PRO A 100 -10.92 -2.41 -8.05
N ILE A 101 -10.79 -2.95 -6.84
CA ILE A 101 -11.59 -4.05 -6.36
C ILE A 101 -12.48 -3.52 -5.24
N HIS A 102 -13.72 -3.99 -5.22
CA HIS A 102 -14.67 -3.70 -4.15
C HIS A 102 -14.88 -4.95 -3.33
N TYR A 103 -15.08 -4.77 -2.04
CA TYR A 103 -15.35 -5.85 -1.11
C TYR A 103 -16.73 -5.68 -0.50
N CYS A 104 -17.52 -6.74 -0.55
CA CYS A 104 -18.95 -6.70 -0.33
C CYS A 104 -19.36 -7.84 0.60
N THR A 105 -20.24 -7.53 1.52
CA THR A 105 -20.83 -8.44 2.49
C THR A 105 -21.95 -9.24 1.85
N PRO A 106 -22.14 -10.49 2.29
CA PRO A 106 -23.29 -11.27 1.84
C PRO A 106 -24.55 -10.84 2.57
N ALA A 107 -25.67 -11.40 2.11
CA ALA A 107 -26.94 -11.16 2.78
C ALA A 107 -26.84 -11.57 4.25
N GLY A 108 -27.38 -10.73 5.13
CA GLY A 108 -27.29 -10.94 6.56
C GLY A 108 -26.25 -10.08 7.25
N TYR A 109 -25.27 -9.57 6.51
CA TYR A 109 -24.23 -8.72 7.07
C TYR A 109 -24.20 -7.40 6.32
N VAL A 110 -23.46 -6.43 6.87
CA VAL A 110 -23.32 -5.13 6.24
C VAL A 110 -21.97 -4.54 6.64
N ILE A 111 -21.48 -3.58 5.85
CA ILE A 111 -20.22 -2.92 6.13
C ILE A 111 -20.52 -1.55 6.71
N LEU A 112 -19.87 -1.20 7.81
CA LEU A 112 -19.98 0.12 8.39
C LEU A 112 -18.71 0.89 8.08
N LYS A 113 -18.87 2.14 7.68
CA LYS A 113 -17.81 2.96 7.11
C LYS A 113 -17.76 4.29 7.85
N CYS A 114 -16.55 4.66 8.29
CA CYS A 114 -16.34 5.85 9.10
C CYS A 114 -16.11 7.06 8.19
N ASN A 115 -16.88 8.12 8.43
CA ASN A 115 -16.77 9.35 7.65
C ASN A 115 -16.21 10.50 8.48
N ASP A 116 -15.64 10.19 9.65
CA ASP A 116 -14.87 11.18 10.38
C ASP A 116 -13.65 11.56 9.55
N LYS A 117 -13.53 12.85 9.22
CA LYS A 117 -12.41 13.30 8.40
C LYS A 117 -11.08 13.24 9.12
N ASN A 118 -11.09 13.04 10.44
CA ASN A 118 -9.88 12.95 11.24
C ASN A 118 -9.57 11.54 11.67
N PHE A 119 -10.35 10.56 11.21
CA PHE A 119 -10.24 9.21 11.77
C PHE A 119 -8.86 8.63 11.53
N ASN A 120 -8.27 8.09 12.59
CA ASN A 120 -6.93 7.54 12.52
C ASN A 120 -6.91 6.02 12.39
N GLY A 121 -8.08 5.39 12.33
CA GLY A 121 -8.18 3.94 12.21
C GLY A 121 -8.38 3.20 13.51
N THR A 122 -8.37 3.87 14.66
CA THR A 122 -8.53 3.22 15.94
C THR A 122 -9.54 3.99 16.79
N GLY A 123 -10.46 3.26 17.41
CA GLY A 123 -11.35 3.84 18.39
C GLY A 123 -12.66 4.30 17.80
N PRO A 124 -13.30 5.26 18.45
CA PRO A 124 -14.67 5.60 18.11
C PRO A 124 -14.80 6.52 16.89
N CYS A 125 -15.85 6.28 16.13
CA CYS A 125 -16.22 7.06 14.96
C CYS A 125 -17.63 7.59 15.18
N LYS A 126 -17.83 8.87 14.89
CA LYS A 126 -19.06 9.56 15.19
C LYS A 126 -19.95 9.82 13.98
N ASN A 127 -19.41 9.81 12.77
CA ASN A 127 -20.19 9.94 11.55
C ASN A 127 -20.06 8.61 10.80
N VAL A 128 -20.98 7.70 11.10
CA VAL A 128 -20.96 6.35 10.53
C VAL A 128 -22.02 6.23 9.45
N SER A 129 -21.70 5.52 8.38
CA SER A 129 -22.66 5.18 7.35
C SER A 129 -22.58 3.69 7.06
N SER A 130 -23.63 3.15 6.46
CA SER A 130 -23.72 1.74 6.12
C SER A 130 -23.66 1.55 4.61
N VAL A 131 -22.87 0.58 4.16
CA VAL A 131 -22.72 0.27 2.76
C VAL A 131 -22.71 -1.25 2.59
N GLN A 132 -22.95 -1.69 1.36
CA GLN A 132 -22.84 -3.08 0.97
C GLN A 132 -21.45 -3.41 0.44
N CYS A 133 -20.78 -2.45 -0.18
CA CYS A 133 -19.45 -2.64 -0.74
C CYS A 133 -18.56 -1.46 -0.38
N THR A 134 -17.28 -1.75 -0.16
CA THR A 134 -16.28 -0.71 -0.09
C THR A 134 -16.21 0.03 -1.42
N HIS A 135 -15.37 1.06 -1.48
CA HIS A 135 -15.06 1.69 -2.74
C HIS A 135 -14.06 0.84 -3.51
N GLY A 136 -13.70 1.28 -4.71
CA GLY A 136 -12.73 0.55 -5.50
C GLY A 136 -11.33 0.77 -4.96
N ILE A 137 -10.67 -0.31 -4.56
CA ILE A 137 -9.32 -0.27 -4.01
C ILE A 137 -8.38 -0.96 -4.99
N LYS A 138 -7.39 -0.22 -5.51
CA LYS A 138 -6.35 -0.82 -6.33
C LYS A 138 -5.38 -1.59 -5.44
N PRO A 139 -5.13 -2.88 -5.71
CA PRO A 139 -4.19 -3.66 -4.88
C PRO A 139 -2.74 -3.48 -5.30
N VAL A 140 -2.18 -2.34 -4.93
CA VAL A 140 -0.84 -1.95 -5.34
C VAL A 140 0.18 -2.52 -4.36
N VAL A 141 1.00 -3.44 -4.83
CA VAL A 141 2.08 -3.98 -4.02
C VAL A 141 3.26 -3.03 -4.09
N SER A 142 3.76 -2.61 -2.93
CA SER A 142 4.91 -1.71 -2.83
C SER A 142 5.45 -1.74 -1.41
N THR A 143 6.68 -1.28 -1.27
CA THR A 143 7.30 -1.05 0.03
C THR A 143 7.69 0.42 0.13
N GLN A 144 7.89 0.88 1.37
CA GLN A 144 8.35 2.22 1.70
C GLN A 144 7.30 3.28 1.35
N LEU A 145 6.86 3.29 0.10
CA LEU A 145 5.88 4.27 -0.38
C LEU A 145 4.62 3.56 -0.82
N LEU A 146 3.48 4.02 -0.34
CA LEU A 146 2.18 3.58 -0.82
C LEU A 146 1.81 4.43 -2.04
N LEU A 147 1.47 3.76 -3.13
CA LEU A 147 1.23 4.43 -4.40
C LEU A 147 -0.20 4.19 -4.86
N ASN A 148 -0.76 5.22 -5.51
CA ASN A 148 -2.01 5.11 -6.26
C ASN A 148 -3.22 4.89 -5.35
N GLY A 149 -3.14 5.34 -4.11
CA GLY A 149 -4.19 5.18 -3.16
C GLY A 149 -5.00 6.44 -2.95
N SER A 150 -5.80 6.44 -1.89
CA SER A 150 -6.55 7.60 -1.46
C SER A 150 -5.65 8.56 -0.68
N LEU A 151 -6.24 9.69 -0.30
CA LEU A 151 -5.55 10.70 0.48
C LEU A 151 -6.43 11.08 1.67
N ALA A 152 -5.78 11.48 2.76
CA ALA A 152 -6.51 12.02 3.89
C ALA A 152 -7.22 13.31 3.48
N GLU A 153 -8.38 13.53 4.06
CA GLU A 153 -9.27 14.58 3.54
C GLU A 153 -8.91 15.96 4.09
N GLU A 154 -8.17 16.03 5.19
CA GLU A 154 -7.67 17.32 5.66
C GLU A 154 -6.21 17.23 6.09
N GLU A 155 -5.96 16.93 7.35
CA GLU A 155 -4.60 16.89 7.83
C GLU A 155 -4.00 15.50 7.62
N ILE A 156 -2.67 15.45 7.55
CA ILE A 156 -1.98 14.18 7.43
C ILE A 156 -2.30 13.34 8.65
N ILE A 157 -2.68 12.08 8.43
CA ILE A 157 -3.04 11.22 9.53
C ILE A 157 -1.92 10.24 9.80
N ILE A 158 -1.63 10.02 11.08
CA ILE A 158 -0.67 9.01 11.53
C ILE A 158 -1.46 7.80 12.01
N ARG A 159 -1.12 6.64 11.49
CA ARG A 159 -1.83 5.41 11.80
C ARG A 159 -0.87 4.43 12.44
N SER A 160 -1.23 3.91 13.59
CA SER A 160 -0.42 2.91 14.27
C SER A 160 -1.33 2.20 15.26
N GLU A 161 -1.03 0.93 15.50
CA GLU A 161 -1.79 0.20 16.50
C GLU A 161 -1.38 0.61 17.91
N ASN A 162 -0.26 1.29 18.05
CA ASN A 162 0.32 1.61 19.35
C ASN A 162 1.58 2.42 19.15
N LEU A 163 1.47 3.74 19.18
CA LEU A 163 2.60 4.59 18.82
C LEU A 163 3.77 4.42 19.78
N THR A 164 3.50 4.07 21.04
CA THR A 164 4.60 3.91 21.99
C THR A 164 5.27 2.54 21.90
N ASN A 165 4.73 1.62 21.11
CA ASN A 165 5.38 0.35 20.81
C ASN A 165 6.11 0.52 19.48
N ASN A 166 7.44 0.47 19.52
CA ASN A 166 8.24 0.75 18.34
C ASN A 166 8.25 -0.40 17.35
N ALA A 167 7.74 -1.58 17.72
CA ALA A 167 7.63 -2.69 16.77
C ALA A 167 6.41 -2.59 15.87
N LYS A 168 5.46 -1.71 16.18
CA LYS A 168 4.23 -1.59 15.40
C LYS A 168 4.40 -0.52 14.32
N THR A 169 4.13 -0.90 13.07
CA THR A 169 4.43 -0.05 11.93
C THR A 169 3.56 1.20 11.92
N ILE A 170 4.15 2.33 11.51
CA ILE A 170 3.41 3.56 11.31
C ILE A 170 3.05 3.68 9.84
N ILE A 171 1.82 4.09 9.58
CA ILE A 171 1.32 4.38 8.24
C ILE A 171 1.02 5.88 8.19
N VAL A 172 1.73 6.60 7.35
CA VAL A 172 1.46 8.00 7.12
C VAL A 172 0.47 8.11 5.97
N HIS A 173 -0.64 8.80 6.20
CA HIS A 173 -1.64 9.07 5.19
C HIS A 173 -1.55 10.54 4.82
N LEU A 174 -1.02 10.81 3.62
CA LEU A 174 -0.84 12.16 3.11
C LEU A 174 -2.16 12.77 2.69
N ASN A 175 -2.21 14.10 2.68
CA ASN A 175 -3.36 14.84 2.19
C ASN A 175 -3.09 15.51 0.85
N LYS A 176 -1.93 15.29 0.29
CA LYS A 176 -1.57 15.80 -1.02
C LYS A 176 -0.57 14.83 -1.61
N SER A 177 -0.89 14.24 -2.75
CA SER A 177 0.00 13.24 -3.32
C SER A 177 1.26 13.90 -3.88
N VAL A 178 2.30 13.09 -4.07
CA VAL A 178 3.50 13.55 -4.76
C VAL A 178 3.81 12.56 -5.87
N GLU A 179 3.93 13.05 -7.09
CA GLU A 179 4.15 12.17 -8.24
C GLU A 179 5.57 11.60 -8.25
N ILE A 180 5.68 10.29 -8.43
CA ILE A 180 6.94 9.61 -8.70
C ILE A 180 6.83 9.04 -10.11
N ASN A 181 7.82 9.36 -10.95
CA ASN A 181 7.77 9.07 -12.38
C ASN A 181 8.96 8.18 -12.73
N CYS A 182 8.71 6.90 -13.00
CA CYS A 182 9.77 5.91 -13.12
C CYS A 182 9.86 5.40 -14.54
N THR A 183 11.09 5.30 -15.05
CA THR A 183 11.34 4.89 -16.41
C THR A 183 12.60 4.05 -16.53
N ARG A 184 12.49 2.98 -17.30
CA ARG A 184 13.60 2.20 -17.84
C ARG A 184 13.63 2.50 -19.34
N PRO A 185 14.61 3.22 -19.84
CA PRO A 185 14.59 3.63 -21.24
C PRO A 185 14.93 2.50 -22.19
N SER A 186 14.56 2.69 -23.45
CA SER A 186 14.78 1.68 -24.47
C SER A 186 16.26 1.61 -24.86
N ASN A 187 16.62 0.49 -25.49
CA ASN A 187 18.02 0.12 -25.76
C ASN A 187 18.81 1.20 -26.47
N ASP A 195 22.99 -1.01 -20.04
CA ASP A 195 22.38 -1.81 -18.97
C ASP A 195 20.86 -1.84 -19.10
N ILE A 196 20.33 -3.02 -19.44
CA ILE A 196 18.89 -3.16 -19.60
C ILE A 196 18.15 -3.12 -18.28
N ARG A 197 18.83 -3.36 -17.16
CA ARG A 197 18.21 -3.34 -15.85
C ARG A 197 18.36 -2.00 -15.14
N LYS A 198 18.99 -1.01 -15.78
CA LYS A 198 19.14 0.31 -15.18
C LYS A 198 17.89 1.14 -15.44
N ALA A 199 17.40 1.81 -14.40
CA ALA A 199 16.20 2.61 -14.50
C ALA A 199 16.29 3.72 -13.47
N TYR A 200 15.30 4.61 -13.47
CA TYR A 200 15.36 5.68 -12.48
C TYR A 200 13.98 6.29 -12.28
N CYS A 201 13.82 6.96 -11.14
CA CYS A 201 12.58 7.64 -10.80
C CYS A 201 12.84 9.10 -10.53
N GLU A 202 11.95 9.95 -11.04
CA GLU A 202 12.05 11.40 -10.89
C GLU A 202 10.91 11.87 -10.00
N ILE A 203 11.26 12.68 -8.99
CA ILE A 203 10.31 13.25 -8.05
C ILE A 203 10.63 14.72 -7.88
N ASN A 204 9.59 15.54 -7.80
CA ASN A 204 9.77 16.96 -7.52
C ASN A 204 10.35 17.15 -6.13
N GLY A 205 11.49 17.85 -6.05
CA GLY A 205 12.13 18.06 -4.76
C GLY A 205 11.39 19.04 -3.88
N THR A 206 10.88 20.13 -4.47
CA THR A 206 10.13 21.12 -3.70
C THR A 206 8.92 20.48 -3.04
N LYS A 207 8.08 19.79 -3.83
CA LYS A 207 6.89 19.15 -3.29
C LYS A 207 7.25 18.09 -2.27
N TRP A 208 8.21 17.22 -2.60
CA TRP A 208 8.56 16.15 -1.68
C TRP A 208 9.02 16.69 -0.34
N ASN A 209 9.91 17.69 -0.35
CA ASN A 209 10.45 18.18 0.93
C ASN A 209 9.42 18.98 1.70
N LYS A 210 8.52 19.69 1.02
CA LYS A 210 7.44 20.34 1.76
C LYS A 210 6.55 19.30 2.43
N VAL A 211 6.25 18.21 1.72
CA VAL A 211 5.42 17.16 2.31
C VAL A 211 6.14 16.52 3.49
N LEU A 212 7.45 16.28 3.36
CA LEU A 212 8.18 15.61 4.42
C LEU A 212 8.34 16.51 5.65
N LYS A 213 8.47 17.83 5.44
CA LYS A 213 8.49 18.74 6.59
C LYS A 213 7.15 18.74 7.30
N GLN A 214 6.04 18.76 6.54
CA GLN A 214 4.73 18.62 7.18
C GLN A 214 4.63 17.31 7.95
N VAL A 215 5.19 16.24 7.39
CA VAL A 215 5.12 14.94 8.04
C VAL A 215 5.87 14.95 9.37
N THR A 216 7.08 15.53 9.37
CA THR A 216 7.85 15.60 10.62
C THR A 216 7.14 16.44 11.67
N GLU A 217 6.47 17.52 11.26
CA GLU A 217 5.80 18.32 12.28
C GLU A 217 4.57 17.61 12.84
N LYS A 218 3.80 16.92 11.98
CA LYS A 218 2.72 16.08 12.51
C LYS A 218 3.25 15.00 13.44
N LEU A 219 4.39 14.40 13.10
CA LEU A 219 5.01 13.43 14.00
C LEU A 219 5.40 14.07 15.32
N LYS A 220 5.89 15.31 15.26
CA LYS A 220 6.24 16.05 16.47
C LYS A 220 5.04 16.20 17.38
N GLU A 221 3.86 16.34 16.80
CA GLU A 221 2.66 16.39 17.63
C GLU A 221 2.43 15.10 18.40
N HIS A 222 3.00 13.97 17.95
CA HIS A 222 2.75 12.67 18.56
C HIS A 222 3.87 12.19 19.48
N PHE A 223 4.98 12.93 19.56
CA PHE A 223 6.15 12.52 20.33
C PHE A 223 6.71 13.73 21.08
N ASN A 224 5.90 14.22 22.03
CA ASN A 224 6.11 15.42 22.86
C ASN A 224 7.15 16.42 22.36
N ASN A 225 7.06 16.79 21.08
CA ASN A 225 7.95 17.77 20.45
C ASN A 225 9.42 17.34 20.49
N LYS A 226 9.67 16.04 20.51
CA LYS A 226 11.02 15.58 20.29
C LYS A 226 11.44 15.84 18.85
N THR A 227 12.75 15.94 18.64
CA THR A 227 13.25 16.17 17.30
C THR A 227 13.07 14.91 16.45
N ILE A 228 12.43 15.07 15.30
CA ILE A 228 12.14 13.96 14.41
C ILE A 228 13.26 13.84 13.39
N ILE A 229 13.90 12.67 13.34
CA ILE A 229 15.01 12.42 12.42
C ILE A 229 14.58 11.34 11.44
N PHE A 230 14.96 11.52 10.17
CA PHE A 230 14.72 10.54 9.13
C PHE A 230 16.03 9.90 8.68
N GLN A 231 16.02 8.59 8.53
CA GLN A 231 17.18 7.82 8.11
C GLN A 231 16.71 6.67 7.24
N PRO A 232 17.61 6.08 6.45
CA PRO A 232 17.22 4.95 5.62
C PRO A 232 17.24 3.65 6.42
N PRO A 233 16.73 2.55 5.87
CA PRO A 233 16.66 1.32 6.65
C PRO A 233 18.03 0.83 7.11
N SER A 234 18.01 0.03 8.17
CA SER A 234 19.21 -0.54 8.79
C SER A 234 19.18 -2.04 8.56
N GLY A 235 19.47 -2.44 7.31
CA GLY A 235 19.47 -3.85 6.99
C GLY A 235 18.16 -4.34 6.43
N GLY A 236 18.24 -5.27 5.49
CA GLY A 236 17.06 -5.81 4.86
C GLY A 236 17.47 -6.73 3.73
N ASP A 237 16.48 -7.05 2.89
CA ASP A 237 16.66 -8.02 1.83
C ASP A 237 16.84 -7.40 0.45
N LEU A 238 16.65 -6.07 0.33
CA LEU A 238 16.61 -5.22 -0.86
C LEU A 238 15.17 -4.78 -1.10
N GLU A 239 14.22 -5.70 -0.97
CA GLU A 239 12.80 -5.34 -1.08
C GLU A 239 12.36 -4.37 0.01
N ILE A 240 13.04 -4.38 1.15
CA ILE A 240 12.73 -3.46 2.26
C ILE A 240 13.63 -2.23 2.24
N THR A 241 14.93 -2.42 1.94
CA THR A 241 15.87 -1.31 1.97
C THR A 241 15.67 -0.34 0.81
N MET A 242 15.06 -0.78 -0.29
CA MET A 242 14.75 0.15 -1.36
C MET A 242 13.25 0.15 -1.61
N HIS A 243 12.79 1.20 -2.28
CA HIS A 243 11.38 1.32 -2.67
C HIS A 243 11.14 0.36 -3.82
N THR A 244 10.38 -0.69 -3.56
CA THR A 244 10.19 -1.79 -4.50
C THR A 244 8.74 -1.86 -4.95
N PHE A 245 8.55 -1.88 -6.26
CA PHE A 245 7.19 -1.92 -6.81
C PHE A 245 7.21 -2.65 -8.14
N ASN A 246 6.04 -2.93 -8.66
CA ASN A 246 5.90 -3.60 -9.95
C ASN A 246 5.28 -2.63 -10.94
N CYS A 247 5.98 -2.39 -12.04
CA CYS A 247 5.53 -1.53 -13.12
C CYS A 247 5.52 -2.34 -14.40
N ARG A 248 4.33 -2.46 -15.02
CA ARG A 248 4.11 -3.25 -16.24
C ARG A 248 4.73 -4.65 -16.15
N GLY A 249 4.63 -5.27 -14.98
CA GLY A 249 5.10 -6.62 -14.79
C GLY A 249 6.55 -6.74 -14.42
N GLU A 250 7.29 -5.63 -14.32
CA GLU A 250 8.71 -5.65 -13.97
C GLU A 250 8.90 -5.16 -12.54
N PHE A 251 9.83 -5.81 -11.83
CA PHE A 251 10.09 -5.52 -10.42
C PHE A 251 11.18 -4.46 -10.29
N PHE A 252 10.80 -3.26 -9.88
CA PHE A 252 11.70 -2.12 -9.75
C PHE A 252 12.13 -1.96 -8.30
N TYR A 253 13.44 -1.75 -8.11
CA TYR A 253 14.06 -1.45 -6.82
C TYR A 253 14.74 -0.09 -6.92
N CYS A 254 14.26 0.89 -6.14
CA CYS A 254 14.69 2.28 -6.28
C CYS A 254 15.24 2.80 -4.96
N ASN A 255 16.46 3.32 -5.01
CA ASN A 255 17.14 3.81 -3.81
C ASN A 255 16.55 5.15 -3.38
N THR A 256 16.16 5.26 -2.10
CA THR A 256 15.45 6.44 -1.62
C THR A 256 16.20 7.20 -0.53
N THR A 257 17.53 7.07 -0.44
CA THR A 257 18.20 7.87 0.57
C THR A 257 18.16 9.35 0.24
N GLN A 258 17.99 9.73 -1.02
CA GLN A 258 17.77 11.14 -1.31
C GLN A 258 16.40 11.61 -0.83
N LEU A 259 15.52 10.69 -0.43
CA LEU A 259 14.21 11.11 0.08
C LEU A 259 14.24 11.30 1.59
N PHE A 260 15.01 10.49 2.30
CA PHE A 260 15.01 10.44 3.76
C PHE A 260 16.34 10.86 4.35
N ASN A 261 17.12 11.67 3.63
CA ASN A 261 18.52 11.87 3.98
C ASN A 261 19.12 12.96 3.10
N ASN A 262 18.28 13.52 2.23
CA ASN A 262 18.58 14.82 1.62
C ASN A 262 17.89 15.89 2.45
N THR A 263 18.43 16.14 3.65
CA THR A 263 17.78 16.93 4.70
C THR A 263 16.77 17.94 4.16
N CYS A 264 17.24 18.99 3.47
CA CYS A 264 16.45 20.13 3.01
C CYS A 264 15.25 20.46 3.92
N ILE A 265 15.39 20.13 5.20
CA ILE A 265 14.39 20.41 6.23
C ILE A 265 14.91 21.53 7.13
N GLY A 272 19.58 25.01 -1.61
CA GLY A 272 19.98 24.73 -2.98
C GLY A 272 19.36 23.45 -3.53
N CYS A 273 18.33 22.94 -2.86
CA CYS A 273 17.67 21.70 -3.24
C CYS A 273 16.17 21.96 -3.35
N ASN A 274 15.76 22.54 -4.47
CA ASN A 274 14.35 22.64 -4.81
C ASN A 274 14.05 22.08 -6.21
N GLY A 275 14.98 21.31 -6.77
CA GLY A 275 14.84 20.77 -8.11
C GLY A 275 14.51 19.28 -8.13
N THR A 276 14.71 18.69 -9.30
CA THR A 276 14.28 17.32 -9.54
C THR A 276 15.21 16.31 -8.85
N ILE A 277 14.63 15.42 -8.05
CA ILE A 277 15.34 14.30 -7.45
C ILE A 277 15.28 13.14 -8.42
N THR A 278 16.45 12.58 -8.74
CA THR A 278 16.56 11.36 -9.52
C THR A 278 17.07 10.25 -8.60
N LEU A 279 16.28 9.18 -8.49
CA LEU A 279 16.62 8.01 -7.71
C LEU A 279 17.05 6.90 -8.65
N PRO A 280 18.22 6.32 -8.43
CA PRO A 280 18.65 5.19 -9.25
C PRO A 280 17.86 3.94 -8.92
N CYS A 281 17.67 3.09 -9.94
CA CYS A 281 16.82 1.91 -9.84
C CYS A 281 17.39 0.76 -10.65
N LYS A 282 17.04 -0.44 -10.22
CA LYS A 282 17.37 -1.66 -10.93
C LYS A 282 16.12 -2.52 -11.07
N ILE A 283 15.95 -3.10 -12.25
CA ILE A 283 14.94 -4.13 -12.45
C ILE A 283 15.57 -5.46 -12.11
N LYS A 284 15.06 -6.11 -11.07
CA LYS A 284 15.60 -7.39 -10.60
C LYS A 284 14.79 -8.56 -11.14
N GLN A 285 15.48 -9.67 -11.36
CA GLN A 285 14.88 -10.91 -11.84
C GLN A 285 14.64 -11.90 -10.73
N ILE A 286 15.50 -11.92 -9.72
CA ILE A 286 15.33 -12.76 -8.55
C ILE A 286 14.74 -11.89 -7.45
N ILE A 287 13.71 -12.39 -6.79
CA ILE A 287 12.89 -11.60 -5.89
C ILE A 287 12.55 -12.44 -4.67
N ASN A 288 12.69 -11.85 -3.49
CA ASN A 288 12.15 -12.41 -2.26
C ASN A 288 10.67 -12.06 -2.21
N MET A 289 9.82 -13.07 -2.32
CA MET A 289 8.40 -12.83 -2.51
C MET A 289 7.76 -12.25 -1.26
N TRP A 290 6.65 -11.56 -1.46
CA TRP A 290 5.83 -11.04 -0.37
C TRP A 290 4.70 -11.98 0.01
N GLN A 291 4.29 -12.86 -0.90
CA GLN A 291 3.17 -13.75 -0.61
C GLN A 291 3.56 -14.80 0.42
N GLY A 292 4.83 -15.19 0.44
CA GLY A 292 5.32 -16.14 1.40
C GLY A 292 6.81 -16.32 1.19
N THR A 293 7.47 -16.80 2.23
CA THR A 293 8.92 -16.98 2.17
C THR A 293 9.30 -17.90 1.01
N GLY A 294 10.29 -17.48 0.25
CA GLY A 294 10.70 -18.19 -0.94
C GLY A 294 11.21 -17.22 -1.97
N GLN A 295 11.83 -17.76 -3.01
CA GLN A 295 12.46 -16.94 -4.02
C GLN A 295 11.82 -17.21 -5.37
N ALA A 296 11.59 -16.14 -6.14
CA ALA A 296 11.04 -16.25 -7.48
C ALA A 296 11.99 -15.60 -8.47
N MET A 297 12.21 -16.27 -9.60
CA MET A 297 13.05 -15.78 -10.68
C MET A 297 12.22 -15.67 -11.95
N TYR A 298 12.06 -14.42 -12.40
CA TYR A 298 11.45 -14.01 -13.64
C TYR A 298 12.54 -13.76 -14.68
N ALA A 299 12.14 -13.31 -15.86
CA ALA A 299 13.02 -13.22 -17.01
C ALA A 299 13.42 -11.76 -17.21
N PRO A 300 14.40 -11.46 -18.07
CA PRO A 300 14.87 -10.07 -18.19
C PRO A 300 13.77 -9.13 -18.66
N PRO A 301 13.96 -7.82 -18.49
CA PRO A 301 12.87 -6.88 -18.81
C PRO A 301 12.47 -6.89 -20.28
N ILE A 302 11.25 -6.44 -20.51
CA ILE A 302 10.75 -6.27 -21.87
C ILE A 302 11.58 -5.21 -22.59
N ASP A 303 11.58 -5.29 -23.91
CA ASP A 303 12.24 -4.28 -24.73
C ASP A 303 11.41 -2.99 -24.71
N GLY A 304 12.08 -1.88 -25.00
CA GLY A 304 11.40 -0.61 -25.12
C GLY A 304 11.27 0.13 -23.81
N LYS A 305 10.65 1.31 -23.88
CA LYS A 305 10.50 2.18 -22.72
C LYS A 305 9.50 1.57 -21.74
N ILE A 306 9.92 1.44 -20.48
CA ILE A 306 9.08 0.91 -19.41
C ILE A 306 8.82 2.06 -18.45
N ASN A 307 7.59 2.57 -18.41
CA ASN A 307 7.31 3.78 -17.65
C ASN A 307 6.04 3.62 -16.82
N CYS A 308 6.08 4.16 -15.60
CA CYS A 308 4.90 4.25 -14.73
C CYS A 308 4.97 5.56 -13.96
N VAL A 309 3.87 6.30 -13.97
CA VAL A 309 3.74 7.55 -13.21
C VAL A 309 2.73 7.29 -12.11
N SER A 310 3.20 7.29 -10.86
CA SER A 310 2.37 6.93 -9.72
C SER A 310 2.30 8.10 -8.76
N ASN A 311 1.26 8.10 -7.94
CA ASN A 311 1.12 9.04 -6.84
C ASN A 311 1.60 8.39 -5.55
N ILE A 312 2.58 9.00 -4.89
CA ILE A 312 2.88 8.69 -3.50
C ILE A 312 1.77 9.31 -2.67
N THR A 313 0.96 8.47 -2.03
CA THR A 313 -0.14 8.92 -1.21
C THR A 313 -0.01 8.52 0.25
N GLY A 314 0.99 7.70 0.60
CA GLY A 314 1.26 7.34 1.97
C GLY A 314 2.69 6.89 2.11
N ILE A 315 3.11 6.71 3.36
CA ILE A 315 4.47 6.26 3.66
C ILE A 315 4.43 5.20 4.76
N LEU A 316 5.29 4.20 4.64
CA LEU A 316 5.42 3.16 5.65
C LEU A 316 6.67 3.45 6.48
N LEU A 317 6.51 3.58 7.79
CA LEU A 317 7.60 4.01 8.65
C LEU A 317 7.74 3.09 9.86
N THR A 318 8.97 3.03 10.37
CA THR A 318 9.34 2.29 11.56
C THR A 318 10.16 3.21 12.44
N ARG A 319 9.76 3.36 13.69
CA ARG A 319 10.49 4.20 14.62
C ARG A 319 11.55 3.39 15.35
N ASP A 320 12.70 4.03 15.57
CA ASP A 320 13.81 3.41 16.27
C ASP A 320 13.49 3.19 17.74
N GLY A 321 14.13 2.19 18.33
CA GLY A 321 14.01 1.94 19.75
C GLY A 321 15.25 2.37 20.49
N GLY A 322 15.12 2.50 21.81
CA GLY A 322 16.21 2.91 22.66
C GLY A 322 16.46 4.39 22.74
N ALA A 323 15.56 5.22 22.22
CA ALA A 323 15.67 6.67 22.27
C ALA A 323 14.85 7.28 23.38
N ASN A 324 14.34 6.45 24.31
CA ASN A 324 13.64 6.94 25.48
C ASN A 324 14.43 8.04 26.17
N ASN A 325 15.69 7.76 26.50
CA ASN A 325 16.58 8.67 27.18
C ASN A 325 17.28 9.65 26.24
N THR A 326 16.86 9.77 24.99
CA THR A 326 17.38 10.78 24.09
C THR A 326 16.29 11.80 23.79
N SER A 327 16.68 12.88 23.13
CA SER A 327 15.75 13.93 22.74
C SER A 327 15.24 13.79 21.31
N ASN A 328 15.53 12.68 20.65
CA ASN A 328 15.13 12.48 19.27
C ASN A 328 14.27 11.23 19.09
N GLU A 329 13.67 11.13 17.92
CA GLU A 329 12.99 9.93 17.44
C GLU A 329 13.32 9.79 15.97
N THR A 330 13.94 8.69 15.59
CA THR A 330 14.36 8.50 14.20
C THR A 330 13.46 7.46 13.54
N PHE A 331 13.03 7.78 12.33
CA PHE A 331 12.08 6.98 11.57
C PHE A 331 12.74 6.52 10.28
N ARG A 332 12.47 5.29 9.88
CA ARG A 332 13.01 4.72 8.66
C ARG A 332 11.86 4.17 7.82
N PRO A 333 11.94 4.27 6.50
CA PRO A 333 10.89 3.70 5.67
C PRO A 333 10.89 2.19 5.81
N GLY A 334 9.68 1.61 5.77
CA GLY A 334 9.54 0.19 6.03
C GLY A 334 8.69 -0.51 5.01
N GLY A 335 8.19 -1.71 5.34
CA GLY A 335 7.35 -2.46 4.45
C GLY A 335 7.72 -3.93 4.52
N GLY A 336 7.05 -4.72 3.68
CA GLY A 336 7.30 -6.15 3.63
C GLY A 336 6.03 -6.97 3.76
N ASP A 337 5.19 -6.58 4.70
CA ASP A 337 3.88 -7.19 4.91
C ASP A 337 2.83 -6.31 4.25
N MET A 338 2.25 -6.80 3.15
CA MET A 338 1.33 -6.01 2.32
C MET A 338 -0.04 -5.84 2.97
N ARG A 339 -0.30 -6.51 4.09
CA ARG A 339 -1.55 -6.28 4.80
C ARG A 339 -1.65 -4.83 5.26
N ASP A 340 -0.53 -4.18 5.56
CA ASP A 340 -0.59 -2.75 5.86
C ASP A 340 -0.95 -1.94 4.61
N ASN A 341 -0.53 -2.40 3.43
CA ASN A 341 -0.96 -1.75 2.20
C ASN A 341 -2.48 -1.79 2.07
N TRP A 342 -3.09 -2.98 2.22
CA TRP A 342 -4.55 -3.02 2.16
C TRP A 342 -5.19 -2.24 3.30
N ARG A 343 -4.59 -2.32 4.48
CA ARG A 343 -5.05 -1.60 5.67
C ARG A 343 -5.13 -0.11 5.43
N SER A 344 -4.23 0.43 4.61
CA SER A 344 -4.19 1.87 4.39
C SER A 344 -5.42 2.38 3.66
N GLU A 345 -6.19 1.50 3.00
CA GLU A 345 -7.44 1.88 2.36
C GLU A 345 -8.66 1.29 3.06
N LEU A 346 -8.53 0.12 3.67
CA LEU A 346 -9.64 -0.55 4.34
C LEU A 346 -9.88 -0.03 5.75
N TYR A 347 -9.02 0.88 6.23
CA TYR A 347 -9.04 1.31 7.64
C TYR A 347 -10.41 1.82 8.06
N LYS A 348 -11.17 2.40 7.14
CA LYS A 348 -12.44 3.03 7.48
C LYS A 348 -13.63 2.08 7.37
N TYR A 349 -13.39 0.77 7.31
CA TYR A 349 -14.45 -0.20 7.09
C TYR A 349 -14.42 -1.29 8.15
N LYS A 350 -15.60 -1.81 8.48
CA LYS A 350 -15.66 -2.99 9.32
C LYS A 350 -16.99 -3.70 9.09
N VAL A 351 -16.97 -5.02 9.15
CA VAL A 351 -18.15 -5.83 8.85
C VAL A 351 -18.91 -6.11 10.13
N VAL A 352 -20.24 -6.01 10.07
CA VAL A 352 -21.09 -6.35 11.21
C VAL A 352 -22.22 -7.25 10.75
N GLN A 353 -22.52 -8.26 11.56
CA GLN A 353 -23.71 -9.07 11.38
C GLN A 353 -24.92 -8.30 11.92
N ILE A 354 -25.95 -8.20 11.10
CA ILE A 354 -27.16 -7.47 11.47
C ILE A 354 -28.11 -8.42 12.16
N GLU A 355 -28.49 -8.07 13.39
CA GLU A 355 -29.38 -8.87 14.21
C GLU A 355 -30.83 -8.61 13.83
#